data_7PSX
#
_entry.id   7PSX
#
_cell.length_a   38.153
_cell.length_b   55.541
_cell.length_c   101.080
_cell.angle_alpha   88.020
_cell.angle_beta   81.460
_cell.angle_gamma   84.940
#
_symmetry.space_group_name_H-M   'P 1'
#
loop_
_entity.id
_entity.type
_entity.pdbx_description
1 polymer 'Homeobox protein Hox-B13'
2 polymer "DNA (5'-D(P*TP*TP*GP*TP*GP*TP*TP*TP*TP*AP*CP*GP*AP*GP*GP*TP*CP*C)-3')"
3 polymer "DNA (5'-D(P*GP*GP*AP*CP*CP*TP*5HCP*AP*TP*AP*AP*AP*AP*CP*AP*CP*AP*A)-3')"
4 non-polymer 'MAGNESIUM ION'
5 water water
#
loop_
_entity_poly.entity_id
_entity_poly.type
_entity_poly.pdbx_seq_one_letter_code
_entity_poly.pdbx_strand_id
1 'polypeptide(L)' RKKRIPYSKGQLRELEREYAANKFITKDKRRKISAATSLSERQITIWFQNRRVKEKKVLAK A,B,G,J
2 'polydeoxyribonucleotide' (DT)(DT)(DG)(DT)(DG)(DT)(DT)(DT)(DT)(DA)(DT)(DG)(DA)(DG)(DG)(DT)(DC)(DC) C,D,H,K
3 'polydeoxyribonucleotide' (DG)(DG)(DA)(DC)(DC)(DT)(5HC)(DA)(DT)(DA)(DA)(DA)(DA)(DC)(DA)(DC)(DA)(DA) F,E,I,L
#
# COMPACT_ATOMS: atom_id res chain seq x y z
N ARG A 1 10.96 19.40 -8.35
CA ARG A 1 10.47 18.34 -9.28
C ARG A 1 10.85 16.97 -8.68
N LYS A 2 11.80 16.25 -9.29
CA LYS A 2 12.52 15.08 -8.70
C LYS A 2 13.92 14.97 -9.32
N LYS A 3 14.98 15.13 -8.51
CA LYS A 3 16.39 15.12 -9.00
C LYS A 3 16.66 13.73 -9.60
N ARG A 4 17.11 13.72 -10.86
CA ARG A 4 17.26 12.49 -11.65
C ARG A 4 18.38 11.63 -11.08
N ILE A 5 18.16 10.32 -11.12
CA ILE A 5 19.11 9.28 -10.65
C ILE A 5 19.53 8.43 -11.84
N PRO A 6 20.75 8.61 -12.38
CA PRO A 6 21.23 7.80 -13.50
C PRO A 6 21.17 6.30 -13.21
N TYR A 7 20.96 5.52 -14.27
CA TYR A 7 20.74 4.06 -14.26
C TYR A 7 22.11 3.39 -14.30
N SER A 8 22.23 2.27 -13.63
CA SER A 8 23.49 1.48 -13.58
C SER A 8 23.79 0.83 -14.93
N LYS A 9 25.03 0.39 -15.11
CA LYS A 9 25.50 -0.46 -16.23
C LYS A 9 24.52 -1.63 -16.41
N GLY A 10 24.24 -2.35 -15.31
CA GLY A 10 23.38 -3.54 -15.30
C GLY A 10 21.95 -3.20 -15.73
N GLN A 11 21.43 -2.07 -15.27
CA GLN A 11 20.08 -1.62 -15.63
C GLN A 11 20.08 -1.24 -17.11
N LEU A 12 21.05 -0.45 -17.57
CA LEU A 12 21.08 -0.01 -18.99
C LEU A 12 21.24 -1.22 -19.90
N ARG A 13 22.08 -2.20 -19.51
CA ARG A 13 22.29 -3.42 -20.32
C ARG A 13 20.93 -4.07 -20.59
N GLU A 14 20.06 -4.19 -19.58
CA GLU A 14 18.73 -4.83 -19.70
C GLU A 14 17.81 -4.00 -20.61
N LEU A 15 17.78 -2.68 -20.44
CA LEU A 15 16.94 -1.74 -21.20
C LEU A 15 17.35 -1.79 -22.68
N GLU A 16 18.64 -1.71 -22.99
CA GLU A 16 19.13 -1.65 -24.39
C GLU A 16 18.88 -3.00 -25.07
N ARG A 17 19.02 -4.09 -24.32
CA ARG A 17 18.77 -5.44 -24.89
C ARG A 17 17.31 -5.51 -25.33
N GLU A 18 16.38 -5.15 -24.47
CA GLU A 18 14.93 -5.11 -24.82
C GLU A 18 14.71 -4.12 -25.97
N TYR A 19 15.28 -2.91 -25.89
CA TYR A 19 15.07 -1.89 -26.93
C TYR A 19 15.50 -2.44 -28.30
N ALA A 20 16.66 -3.09 -28.35
CA ALA A 20 17.15 -3.76 -29.58
C ALA A 20 16.13 -4.82 -30.06
N ALA A 21 15.44 -5.51 -29.16
CA ALA A 21 14.43 -6.54 -29.50
C ALA A 21 13.15 -5.88 -30.00
N ASN A 22 12.76 -4.74 -29.43
CA ASN A 22 11.49 -4.05 -29.79
C ASN A 22 11.58 -2.60 -29.31
N LYS A 23 11.30 -1.64 -30.20
CA LYS A 23 11.38 -0.18 -29.91
C LYS A 23 10.31 0.22 -28.90
N PHE A 24 9.27 -0.59 -28.76
CA PHE A 24 8.08 -0.32 -27.91
C PHE A 24 7.93 -1.41 -26.85
N ILE A 25 7.89 -1.04 -25.57
CA ILE A 25 7.87 -2.06 -24.47
C ILE A 25 6.44 -2.58 -24.31
N THR A 26 6.28 -3.90 -24.25
CA THR A 26 5.03 -4.58 -23.91
C THR A 26 4.86 -4.56 -22.38
N LYS A 27 3.61 -4.61 -21.91
CA LYS A 27 3.24 -4.66 -20.47
C LYS A 27 4.00 -5.80 -19.81
N ASP A 28 4.04 -6.97 -20.46
CA ASP A 28 4.70 -8.21 -19.97
C ASP A 28 6.21 -7.96 -19.78
N LYS A 29 6.87 -7.36 -20.77
CA LYS A 29 8.34 -7.13 -20.74
C LYS A 29 8.64 -6.00 -19.74
N ARG A 30 7.74 -5.04 -19.60
CA ARG A 30 7.91 -3.94 -18.63
C ARG A 30 7.98 -4.52 -17.20
N ARG A 31 7.10 -5.46 -16.84
CA ARG A 31 7.13 -6.12 -15.50
C ARG A 31 8.46 -6.88 -15.32
N LYS A 32 8.85 -7.65 -16.35
CA LYS A 32 10.11 -8.44 -16.34
C LYS A 32 11.27 -7.49 -16.07
N ILE A 33 11.41 -6.45 -16.90
CA ILE A 33 12.49 -5.43 -16.71
C ILE A 33 12.39 -4.83 -15.30
N SER A 34 11.18 -4.47 -14.83
CA SER A 34 10.99 -3.90 -13.46
C SER A 34 11.58 -4.84 -12.41
N ALA A 35 11.23 -6.14 -12.50
CA ALA A 35 11.75 -7.17 -11.58
C ALA A 35 13.28 -7.26 -11.74
N ALA A 36 13.80 -7.37 -12.96
CA ALA A 36 15.26 -7.56 -13.19
C ALA A 36 16.06 -6.36 -12.66
N THR A 37 15.53 -5.13 -12.79
CA THR A 37 16.36 -3.89 -12.66
C THR A 37 16.05 -3.10 -11.39
N SER A 38 14.87 -3.31 -10.77
CA SER A 38 14.39 -2.49 -9.63
C SER A 38 13.97 -1.08 -10.08
N LEU A 39 13.81 -0.82 -11.38
CA LEU A 39 13.22 0.44 -11.86
C LEU A 39 11.70 0.24 -11.81
N SER A 40 10.94 1.32 -11.61
CA SER A 40 9.47 1.31 -11.71
C SER A 40 9.04 1.16 -13.19
N GLU A 41 7.87 0.55 -13.36
CA GLU A 41 7.16 0.45 -14.65
C GLU A 41 7.18 1.83 -15.30
N ARG A 42 6.85 2.86 -14.52
CA ARG A 42 6.86 4.27 -14.98
C ARG A 42 8.25 4.60 -15.55
N GLN A 43 9.31 4.31 -14.79
CA GLN A 43 10.69 4.64 -15.24
C GLN A 43 10.95 3.90 -16.54
N ILE A 44 10.67 2.60 -16.61
CA ILE A 44 10.94 1.81 -17.84
C ILE A 44 10.17 2.42 -19.03
N THR A 45 8.89 2.68 -18.86
CA THR A 45 8.07 3.38 -19.90
C THR A 45 8.77 4.67 -20.32
N ILE A 46 9.20 5.50 -19.36
CA ILE A 46 9.81 6.83 -19.72
C ILE A 46 11.14 6.60 -20.47
N TRP A 47 11.92 5.63 -20.02
CA TRP A 47 13.26 5.37 -20.63
C TRP A 47 13.06 4.98 -22.11
N PHE A 48 11.99 4.25 -22.41
CA PHE A 48 11.69 3.84 -23.81
C PHE A 48 11.32 5.08 -24.61
N GLN A 49 10.49 5.96 -24.04
CA GLN A 49 10.14 7.23 -24.70
C GLN A 49 11.44 7.93 -25.04
N ASN A 50 12.32 8.05 -24.05
CA ASN A 50 13.59 8.84 -24.20
C ASN A 50 14.51 8.16 -25.23
N ARG A 51 14.53 6.83 -25.29
CA ARG A 51 15.42 6.03 -26.19
C ARG A 51 15.01 6.24 -27.66
N ARG A 52 13.70 6.32 -27.92
CA ARG A 52 13.21 6.59 -29.28
C ARG A 52 13.59 8.02 -29.67
N VAL A 53 13.60 8.97 -28.72
CA VAL A 53 14.04 10.37 -29.02
C VAL A 53 15.52 10.34 -29.42
N LYS A 54 16.32 9.57 -28.71
CA LYS A 54 17.76 9.40 -29.02
C LYS A 54 17.89 8.76 -30.41
N GLU A 55 17.19 7.65 -30.67
CA GLU A 55 17.27 6.98 -32.00
C GLU A 55 16.85 7.98 -33.10
N LYS A 56 15.76 8.73 -32.90
CA LYS A 56 15.34 9.77 -33.87
C LYS A 56 16.49 10.75 -34.17
N LYS A 57 17.26 11.17 -33.16
CA LYS A 57 18.38 12.12 -33.38
C LYS A 57 19.41 11.43 -34.30
N VAL A 58 19.54 10.09 -34.22
CA VAL A 58 20.56 9.33 -35.00
C VAL A 58 20.19 9.32 -36.50
N LEU A 59 18.91 9.53 -36.84
CA LEU A 59 18.48 9.81 -38.24
C LEU A 59 18.68 11.32 -38.52
N ALA A 60 19.83 11.85 -38.09
CA ALA A 60 20.39 13.15 -38.55
C ALA A 60 20.93 13.01 -39.97
N LYS A 61 20.13 13.44 -40.97
CA LYS A 61 20.46 13.52 -42.43
C LYS A 61 20.17 12.16 -43.09
N LYS D 2 19.50 -9.68 -5.06
CA LYS D 2 19.28 -8.37 -5.75
C LYS D 2 20.62 -7.85 -6.31
N LYS D 3 20.75 -7.70 -7.63
CA LYS D 3 21.89 -6.98 -8.27
C LYS D 3 21.95 -5.55 -7.70
N ARG D 4 23.10 -5.19 -7.14
CA ARG D 4 23.30 -3.87 -6.49
C ARG D 4 23.25 -2.75 -7.54
N ILE D 5 22.67 -1.62 -7.14
CA ILE D 5 22.50 -0.41 -7.97
C ILE D 5 23.25 0.73 -7.29
N PRO D 6 24.43 1.13 -7.83
CA PRO D 6 25.22 2.23 -7.28
C PRO D 6 24.41 3.52 -7.15
N TYR D 7 24.75 4.31 -6.13
CA TYR D 7 24.04 5.55 -5.75
C TYR D 7 24.66 6.67 -6.56
N SER D 8 23.83 7.65 -6.93
CA SER D 8 24.28 8.82 -7.73
C SER D 8 25.18 9.74 -6.89
N LYS D 9 25.93 10.60 -7.56
CA LYS D 9 26.70 11.71 -6.95
C LYS D 9 25.78 12.49 -5.99
N GLY D 10 24.60 12.89 -6.47
CA GLY D 10 23.59 13.65 -5.69
C GLY D 10 23.14 12.89 -4.45
N GLN D 11 22.90 11.59 -4.58
CA GLN D 11 22.49 10.74 -3.45
C GLN D 11 23.66 10.63 -2.46
N LEU D 12 24.87 10.33 -2.94
CA LEU D 12 26.04 10.17 -2.01
C LEU D 12 26.32 11.50 -1.30
N ARG D 13 26.21 12.62 -2.01
CA ARG D 13 26.44 13.96 -1.40
C ARG D 13 25.52 14.11 -0.18
N GLU D 14 24.25 13.71 -0.27
CA GLU D 14 23.26 13.80 0.82
C GLU D 14 23.64 12.87 1.98
N LEU D 15 23.99 11.62 1.67
CA LEU D 15 24.33 10.60 2.67
C LEU D 15 25.60 11.04 3.43
N GLU D 16 26.64 11.51 2.74
CA GLU D 16 27.92 11.87 3.37
C GLU D 16 27.73 13.11 4.24
N ARG D 17 26.88 14.05 3.80
N ARG D 17 26.88 14.05 3.80
CA ARG D 17 26.59 15.28 4.58
CA ARG D 17 26.59 15.28 4.58
C ARG D 17 25.98 14.86 5.92
C ARG D 17 25.97 14.87 5.92
N GLU D 18 24.95 14.02 5.88
CA GLU D 18 24.32 13.51 7.13
C GLU D 18 25.34 12.71 7.94
N TYR D 19 26.10 11.81 7.30
CA TYR D 19 27.08 10.96 8.02
C TYR D 19 28.07 11.85 8.77
N ALA D 20 28.57 12.90 8.11
CA ALA D 20 29.47 13.91 8.72
C ALA D 20 28.77 14.58 9.93
N ALA D 21 27.47 14.77 9.90
CA ALA D 21 26.70 15.38 11.01
C ALA D 21 26.52 14.37 12.16
N ASN D 22 26.31 13.10 11.84
CA ASN D 22 26.03 12.05 12.85
C ASN D 22 26.30 10.67 12.22
N LYS D 23 27.11 9.85 12.87
CA LYS D 23 27.52 8.51 12.40
C LYS D 23 26.33 7.56 12.39
N PHE D 24 25.28 7.89 13.15
CA PHE D 24 24.08 7.04 13.33
C PHE D 24 22.82 7.79 12.88
N ILE D 25 22.06 7.22 11.95
CA ILE D 25 20.90 7.93 11.34
C ILE D 25 19.70 7.84 12.31
N THR D 26 19.06 8.98 12.55
CA THR D 26 17.80 9.09 13.33
C THR D 26 16.63 8.80 12.38
N LYS D 27 15.50 8.34 12.92
CA LYS D 27 14.25 8.07 12.17
C LYS D 27 13.89 9.29 11.34
N ASP D 28 13.95 10.48 11.96
N ASP D 28 13.95 10.49 11.96
CA ASP D 28 13.61 11.79 11.34
CA ASP D 28 13.58 11.78 11.32
C ASP D 28 14.52 12.06 10.14
C ASP D 28 14.52 12.05 10.13
N LYS D 29 15.83 11.87 10.31
CA LYS D 29 16.83 12.17 9.24
C LYS D 29 16.71 11.10 8.14
N ARG D 30 16.36 9.88 8.50
CA ARG D 30 16.19 8.78 7.53
C ARG D 30 15.05 9.13 6.55
N ARG D 31 13.93 9.63 7.06
CA ARG D 31 12.77 10.06 6.21
C ARG D 31 13.19 11.22 5.29
N LYS D 32 13.89 12.21 5.86
N LYS D 32 13.89 12.21 5.86
CA LYS D 32 14.40 13.39 5.13
CA LYS D 32 14.41 13.39 5.12
C LYS D 32 15.28 12.88 3.97
C LYS D 32 15.27 12.88 3.97
N ILE D 33 16.30 12.11 4.30
CA ILE D 33 17.20 11.53 3.25
C ILE D 33 16.37 10.73 2.23
N SER D 34 15.42 9.90 2.68
CA SER D 34 14.55 9.09 1.79
C SER D 34 13.84 10.01 0.80
N ALA D 35 13.22 11.07 1.29
CA ALA D 35 12.54 12.08 0.43
C ALA D 35 13.56 12.73 -0.50
N ALA D 36 14.69 13.22 0.01
CA ALA D 36 15.68 13.95 -0.81
C ALA D 36 16.26 13.05 -1.91
N THR D 37 16.46 11.75 -1.66
CA THR D 37 17.31 10.89 -2.52
C THR D 37 16.50 9.86 -3.31
N SER D 38 15.28 9.51 -2.88
CA SER D 38 14.46 8.40 -3.43
C SER D 38 15.05 7.03 -3.07
N LEU D 39 15.97 6.94 -2.11
CA LEU D 39 16.40 5.63 -1.57
C LEU D 39 15.38 5.26 -0.51
N SER D 40 15.18 3.96 -0.30
CA SER D 40 14.34 3.43 0.79
C SER D 40 15.03 3.64 2.14
N GLU D 41 14.20 3.78 3.17
CA GLU D 41 14.64 3.84 4.58
C GLU D 41 15.63 2.70 4.81
N ARG D 42 15.28 1.50 4.34
CA ARG D 42 16.14 0.29 4.42
C ARG D 42 17.52 0.60 3.78
N GLN D 43 17.51 1.14 2.57
CA GLN D 43 18.79 1.43 1.86
C GLN D 43 19.60 2.42 2.70
N ILE D 44 18.99 3.51 3.15
CA ILE D 44 19.70 4.54 3.95
C ILE D 44 20.29 3.90 5.22
N THR D 45 19.48 3.15 5.95
CA THR D 45 19.95 2.39 7.14
C THR D 45 21.17 1.53 6.74
N ILE D 46 21.10 0.80 5.62
CA ILE D 46 22.22 -0.13 5.26
C ILE D 46 23.47 0.71 4.88
N TRP D 47 23.27 1.82 4.19
CA TRP D 47 24.41 2.64 3.74
C TRP D 47 25.17 3.17 4.97
N PHE D 48 24.45 3.49 6.04
CA PHE D 48 25.07 3.97 7.31
C PHE D 48 25.88 2.83 7.92
N GLN D 49 25.30 1.63 7.95
CA GLN D 49 26.01 0.43 8.45
C GLN D 49 27.32 0.34 7.68
N ASN D 50 27.22 0.42 6.35
CA ASN D 50 28.39 0.18 5.46
C ASN D 50 29.41 1.32 5.65
N ARG D 51 28.97 2.55 5.90
CA ARG D 51 29.84 3.74 6.02
C ARG D 51 30.69 3.63 7.29
N ARG D 52 30.11 3.12 8.36
CA ARG D 52 30.84 2.92 9.63
C ARG D 52 31.89 1.83 9.42
N VAL D 53 31.61 0.80 8.61
CA VAL D 53 32.62 -0.26 8.31
C VAL D 53 33.79 0.39 7.55
N LYS D 54 33.48 1.28 6.61
CA LYS D 54 34.52 2.02 5.86
C LYS D 54 35.34 2.88 6.84
N GLU D 55 34.65 3.69 7.67
CA GLU D 55 35.37 4.55 8.65
C GLU D 55 36.24 3.67 9.57
N LYS D 56 35.72 2.56 10.09
CA LYS D 56 36.54 1.61 10.90
C LYS D 56 37.83 1.20 10.16
N LYS D 57 37.77 0.93 8.86
CA LYS D 57 38.98 0.53 8.09
C LYS D 57 39.99 1.69 8.14
N VAL D 58 39.52 2.95 8.20
CA VAL D 58 40.39 4.16 8.16
C VAL D 58 41.16 4.28 9.49
N LEU D 59 40.63 3.74 10.57
CA LEU D 59 41.19 3.83 11.93
C LEU D 59 42.13 2.65 12.14
N ALA D 60 41.89 1.53 11.45
CA ALA D 60 42.80 0.38 11.32
C ALA D 60 43.99 0.79 10.43
N LYS D 61 43.74 1.57 9.36
CA LYS D 61 44.78 2.20 8.47
C LYS D 61 44.77 3.72 8.64
N ARG G 1 -17.48 12.95 8.81
CA ARG G 1 -18.19 11.84 8.09
C ARG G 1 -17.87 10.50 8.77
N LYS G 2 -18.86 9.91 9.45
CA LYS G 2 -18.86 8.53 10.03
C LYS G 2 -20.31 8.08 10.30
N LYS G 3 -20.80 7.05 9.60
CA LYS G 3 -22.05 6.31 9.93
C LYS G 3 -21.66 4.96 10.53
N ARG G 4 -22.12 4.66 11.74
CA ARG G 4 -21.74 3.39 12.44
C ARG G 4 -22.43 2.21 11.76
N ILE G 5 -21.73 1.09 11.68
CA ILE G 5 -22.19 -0.16 11.03
C ILE G 5 -22.21 -1.27 12.09
N PRO G 6 -23.41 -1.66 12.58
CA PRO G 6 -23.54 -2.73 13.55
C PRO G 6 -22.88 -4.04 13.10
N TYR G 7 -22.37 -4.79 14.07
CA TYR G 7 -21.60 -6.05 13.87
C TYR G 7 -22.61 -7.20 13.78
N SER G 8 -22.30 -8.19 12.96
CA SER G 8 -23.16 -9.37 12.73
C SER G 8 -23.17 -10.27 13.97
N LYS G 9 -24.15 -11.15 14.04
CA LYS G 9 -24.24 -12.28 15.02
C LYS G 9 -22.89 -13.01 15.06
N GLY G 10 -22.39 -13.41 13.88
CA GLY G 10 -21.13 -14.17 13.72
C GLY G 10 -19.93 -13.38 14.26
N GLN G 11 -19.88 -12.08 13.98
CA GLN G 11 -18.79 -11.20 14.44
C GLN G 11 -18.90 -11.08 15.97
N LEU G 12 -20.10 -10.77 16.50
CA LEU G 12 -20.25 -10.57 17.97
C LEU G 12 -19.92 -11.88 18.70
N ARG G 13 -20.35 -13.02 18.16
CA ARG G 13 -20.07 -14.34 18.78
C ARG G 13 -18.55 -14.46 19.01
N GLU G 14 -17.73 -14.10 18.02
CA GLU G 14 -16.24 -14.18 18.08
C GLU G 14 -15.69 -13.20 19.13
N LEU G 15 -16.18 -11.96 19.14
CA LEU G 15 -15.73 -10.88 20.05
C LEU G 15 -16.05 -11.27 21.50
N GLU G 16 -17.26 -11.76 21.76
CA GLU G 16 -17.70 -12.08 23.16
C GLU G 16 -16.93 -13.30 23.65
N ARG G 17 -16.66 -14.26 22.77
CA ARG G 17 -15.88 -15.46 23.14
C ARG G 17 -14.50 -15.02 23.61
N GLU G 18 -13.81 -14.20 22.82
N GLU G 18 -13.81 -14.19 22.82
CA GLU G 18 -12.47 -13.67 23.20
CA GLU G 18 -12.47 -13.67 23.21
C GLU G 18 -12.61 -12.84 24.49
C GLU G 18 -12.61 -12.84 24.49
N TYR G 19 -13.60 -11.94 24.57
CA TYR G 19 -13.77 -11.06 25.74
C TYR G 19 -13.92 -11.92 27.00
N ALA G 20 -14.73 -12.96 26.93
CA ALA G 20 -14.90 -13.95 28.03
C ALA G 20 -13.55 -14.59 28.40
N ALA G 21 -12.67 -14.83 27.43
CA ALA G 21 -11.32 -15.41 27.67
C ALA G 21 -10.38 -14.36 28.31
N ASN G 22 -10.48 -13.10 27.92
CA ASN G 22 -9.58 -12.03 28.38
C ASN G 22 -10.23 -10.67 28.11
N LYS G 23 -10.31 -9.81 29.13
CA LYS G 23 -10.95 -8.47 29.05
C LYS G 23 -10.15 -7.55 28.13
N PHE G 24 -8.88 -7.87 27.91
CA PHE G 24 -7.91 -7.04 27.15
C PHE G 24 -7.37 -7.82 25.95
N ILE G 25 -7.50 -7.28 24.74
CA ILE G 25 -7.11 -8.03 23.51
C ILE G 25 -5.59 -7.93 23.33
N THR G 26 -4.94 -9.06 23.08
CA THR G 26 -3.53 -9.14 22.69
C THR G 26 -3.43 -8.86 21.18
N LYS G 27 -2.28 -8.33 20.74
CA LYS G 27 -1.95 -8.08 19.31
C LYS G 27 -2.22 -9.33 18.50
N ASP G 28 -1.79 -10.50 18.99
CA ASP G 28 -1.94 -11.83 18.32
C ASP G 28 -3.42 -12.16 18.14
N LYS G 29 -4.23 -12.00 19.19
CA LYS G 29 -5.68 -12.33 19.16
C LYS G 29 -6.42 -11.31 18.29
N ARG G 30 -5.96 -10.06 18.30
CA ARG G 30 -6.57 -8.99 17.47
C ARG G 30 -6.47 -9.36 15.97
N ARG G 31 -5.31 -9.84 15.51
N ARG G 31 -5.31 -9.85 15.52
CA ARG G 31 -5.11 -10.28 14.10
CA ARG G 31 -5.11 -10.28 14.10
C ARG G 31 -6.03 -11.47 13.79
C ARG G 31 -6.03 -11.47 13.79
N LYS G 32 -6.08 -12.45 14.70
CA LYS G 32 -6.94 -13.65 14.58
C LYS G 32 -8.39 -13.18 14.39
N ILE G 33 -8.88 -12.41 15.35
CA ILE G 33 -10.28 -11.88 15.27
C ILE G 33 -10.46 -11.10 13.96
N SER G 34 -9.50 -10.25 13.56
CA SER G 34 -9.57 -9.46 12.31
C SER G 34 -9.78 -10.41 11.12
N ALA G 35 -8.92 -11.42 11.00
CA ALA G 35 -9.02 -12.41 9.90
C ALA G 35 -10.03 -13.50 10.26
N ALA G 36 -10.99 -13.18 11.14
CA ALA G 36 -12.02 -14.14 11.57
C ALA G 36 -13.39 -13.46 11.58
N THR G 37 -13.40 -12.12 11.62
CA THR G 37 -14.66 -11.34 11.65
C THR G 37 -14.61 -10.24 10.58
N SER G 38 -13.54 -10.26 9.76
CA SER G 38 -13.35 -9.26 8.67
C SER G 38 -13.43 -7.83 9.25
N LEU G 39 -13.09 -7.67 10.53
CA LEU G 39 -13.13 -6.35 11.20
C LEU G 39 -11.72 -5.76 11.21
N SER G 40 -11.62 -4.43 11.20
CA SER G 40 -10.30 -3.74 11.21
C SER G 40 -9.66 -3.85 12.59
N GLU G 41 -8.32 -3.76 12.66
CA GLU G 41 -7.58 -3.85 13.95
C GLU G 41 -8.14 -2.81 14.91
N ARG G 42 -8.29 -1.56 14.44
CA ARG G 42 -8.83 -0.45 15.29
C ARG G 42 -10.23 -0.83 15.78
N GLN G 43 -11.08 -1.33 14.87
CA GLN G 43 -12.46 -1.73 15.23
C GLN G 43 -12.42 -2.67 16.44
N ILE G 44 -11.76 -3.83 16.29
CA ILE G 44 -11.64 -4.82 17.40
C ILE G 44 -11.17 -4.14 18.69
N THR G 45 -10.12 -3.33 18.60
CA THR G 45 -9.54 -2.62 19.75
C THR G 45 -10.60 -1.73 20.39
N ILE G 46 -11.40 -1.09 19.55
CA ILE G 46 -12.43 -0.11 19.98
C ILE G 46 -13.61 -0.87 20.62
N TRP G 47 -13.95 -2.03 20.05
CA TRP G 47 -15.07 -2.87 20.58
C TRP G 47 -14.70 -3.34 22.00
N PHE G 48 -13.42 -3.64 22.22
CA PHE G 48 -12.95 -4.08 23.56
C PHE G 48 -13.08 -2.91 24.53
N GLN G 49 -12.66 -1.71 24.12
CA GLN G 49 -12.81 -0.49 24.92
C GLN G 49 -14.28 -0.40 25.34
N ASN G 50 -15.17 -0.50 24.35
CA ASN G 50 -16.63 -0.31 24.56
C ASN G 50 -17.19 -1.43 25.47
N ARG G 51 -16.70 -2.66 25.34
CA ARG G 51 -17.19 -3.84 26.10
C ARG G 51 -16.87 -3.69 27.59
N ARG G 52 -15.69 -3.15 27.90
CA ARG G 52 -15.30 -2.94 29.30
C ARG G 52 -16.18 -1.83 29.88
N VAL G 53 -16.56 -0.82 29.09
CA VAL G 53 -17.47 0.27 29.57
C VAL G 53 -18.82 -0.38 29.92
N LYS G 54 -19.29 -1.28 29.06
CA LYS G 54 -20.57 -2.02 29.31
C LYS G 54 -20.42 -2.86 30.59
N GLU G 55 -19.35 -3.66 30.70
CA GLU G 55 -19.14 -4.50 31.91
C GLU G 55 -19.10 -3.59 33.15
N LYS G 56 -18.37 -2.48 33.11
CA LYS G 56 -18.35 -1.50 34.25
C LYS G 56 -19.78 -1.09 34.65
N LYS G 57 -20.67 -0.84 33.69
CA LYS G 57 -22.05 -0.42 34.01
C LYS G 57 -22.74 -1.56 34.77
N VAL G 58 -22.38 -2.82 34.48
CA VAL G 58 -23.01 -4.03 35.10
C VAL G 58 -22.63 -4.13 36.59
N LEU G 59 -21.51 -3.54 37.01
CA LEU G 59 -21.15 -3.36 38.44
C LEU G 59 -21.85 -2.11 38.98
N ALA G 60 -23.16 -1.95 38.72
CA ALA G 60 -23.99 -0.81 39.18
C ALA G 60 -23.31 0.50 38.77
N LYS J 2 -15.56 -14.10 3.36
CA LYS J 2 -16.08 -15.47 3.02
C LYS J 2 -17.34 -15.76 3.85
N LYS J 3 -17.22 -15.87 5.19
CA LYS J 3 -18.38 -15.84 6.14
C LYS J 3 -19.14 -14.53 5.94
N ARG J 4 -20.44 -14.59 5.59
CA ARG J 4 -21.15 -13.41 5.05
C ARG J 4 -21.44 -12.46 6.21
N ILE J 5 -21.35 -11.17 5.94
CA ILE J 5 -21.61 -10.07 6.91
C ILE J 5 -22.78 -9.25 6.38
N PRO J 6 -23.99 -9.39 6.95
CA PRO J 6 -25.15 -8.62 6.54
C PRO J 6 -24.90 -7.12 6.58
N TYR J 7 -25.54 -6.40 5.67
CA TYR J 7 -25.42 -4.94 5.49
C TYR J 7 -26.39 -4.27 6.45
N SER J 8 -26.00 -3.11 6.99
CA SER J 8 -26.84 -2.33 7.92
C SER J 8 -28.03 -1.72 7.19
N LYS J 9 -29.03 -1.30 7.96
CA LYS J 9 -30.19 -0.50 7.48
C LYS J 9 -29.68 0.67 6.65
N GLY J 10 -28.73 1.44 7.20
CA GLY J 10 -28.14 2.63 6.57
C GLY J 10 -27.46 2.30 5.25
N GLN J 11 -26.73 1.19 5.20
CA GLN J 11 -26.05 0.72 3.97
C GLN J 11 -27.11 0.32 2.95
N LEU J 12 -28.08 -0.52 3.34
CA LEU J 12 -29.12 -1.00 2.38
C LEU J 12 -29.92 0.21 1.85
N ARG J 13 -30.25 1.17 2.72
CA ARG J 13 -31.02 2.37 2.30
C ARG J 13 -30.28 3.04 1.12
N GLU J 14 -28.96 3.20 1.20
CA GLU J 14 -28.12 3.83 0.14
C GLU J 14 -28.14 2.98 -1.14
N LEU J 15 -27.95 1.66 -1.02
CA LEU J 15 -27.91 0.70 -2.15
C LEU J 15 -29.27 0.70 -2.88
N GLU J 16 -30.37 0.63 -2.15
CA GLU J 16 -31.73 0.54 -2.77
C GLU J 16 -32.08 1.87 -3.44
N ARG J 17 -31.65 2.98 -2.86
CA ARG J 17 -31.89 4.32 -3.45
C ARG J 17 -31.19 4.36 -4.82
N GLU J 18 -29.91 4.00 -4.88
CA GLU J 18 -29.17 3.95 -6.17
C GLU J 18 -29.82 2.93 -7.10
N TYR J 19 -30.15 1.73 -6.61
CA TYR J 19 -30.74 0.68 -7.47
C TYR J 19 -32.04 1.19 -8.11
N ALA J 20 -32.88 1.86 -7.33
CA ALA J 20 -34.12 2.52 -7.81
C ALA J 20 -33.78 3.56 -8.90
N ALA J 21 -32.66 4.26 -8.79
CA ALA J 21 -32.22 5.27 -9.79
C ALA J 21 -31.69 4.57 -11.05
N ASN J 22 -31.01 3.43 -10.92
CA ASN J 22 -30.37 2.74 -12.06
C ASN J 22 -30.07 1.29 -11.64
N LYS J 23 -30.48 0.32 -12.44
CA LYS J 23 -30.32 -1.14 -12.16
C LYS J 23 -28.83 -1.51 -12.22
N PHE J 24 -28.01 -0.69 -12.87
CA PHE J 24 -26.58 -0.97 -13.15
C PHE J 24 -25.71 0.16 -12.57
N ILE J 25 -24.74 -0.19 -11.71
CA ILE J 25 -23.95 0.86 -10.99
C ILE J 25 -22.84 1.37 -11.91
N THR J 26 -22.70 2.67 -11.99
CA THR J 26 -21.59 3.35 -12.70
C THR J 26 -20.37 3.38 -11.76
N LYS J 27 -19.17 3.45 -12.34
CA LYS J 27 -17.88 3.55 -11.61
C LYS J 27 -17.95 4.71 -10.62
N ASP J 28 -18.48 5.87 -11.06
CA ASP J 28 -18.61 7.11 -10.25
C ASP J 28 -19.51 6.85 -9.04
N LYS J 29 -20.67 6.24 -9.26
CA LYS J 29 -21.67 6.00 -8.18
C LYS J 29 -21.15 4.91 -7.24
N ARG J 30 -20.40 3.94 -7.77
CA ARG J 30 -19.79 2.86 -6.95
C ARG J 30 -18.82 3.47 -5.91
N ARG J 31 -17.98 4.43 -6.31
CA ARG J 31 -17.03 5.12 -5.38
C ARG J 31 -17.82 5.91 -4.33
N LYS J 32 -18.84 6.66 -4.77
CA LYS J 32 -19.73 7.45 -3.88
C LYS J 32 -20.31 6.50 -2.84
N ILE J 33 -20.99 5.43 -3.28
CA ILE J 33 -21.60 4.46 -2.34
C ILE J 33 -20.50 3.87 -1.44
N SER J 34 -19.32 3.52 -1.98
CA SER J 34 -18.20 2.98 -1.16
C SER J 34 -17.85 3.96 -0.03
N ALA J 35 -17.69 5.24 -0.37
CA ALA J 35 -17.42 6.29 0.64
C ALA J 35 -18.60 6.39 1.63
N ALA J 36 -19.84 6.47 1.15
CA ALA J 36 -21.02 6.67 2.02
C ALA J 36 -21.20 5.48 2.98
N THR J 37 -20.91 4.25 2.55
CA THR J 37 -21.36 3.02 3.25
C THR J 37 -20.21 2.26 3.92
N SER J 38 -18.95 2.47 3.50
CA SER J 38 -17.78 1.68 3.96
C SER J 38 -17.79 0.25 3.37
N LEU J 39 -18.62 -0.03 2.36
CA LEU J 39 -18.53 -1.31 1.63
C LEU J 39 -17.46 -1.12 0.57
N SER J 40 -16.81 -2.20 0.18
CA SER J 40 -15.84 -2.22 -0.95
C SER J 40 -16.61 -2.10 -2.27
N GLU J 41 -15.93 -1.51 -3.26
CA GLU J 41 -16.37 -1.43 -4.66
C GLU J 41 -16.84 -2.82 -5.07
N ARG J 42 -16.03 -3.85 -4.74
CA ARG J 42 -16.37 -5.27 -5.04
C ARG J 42 -17.73 -5.61 -4.41
N GLN J 43 -17.91 -5.28 -3.12
CA GLN J 43 -19.18 -5.61 -2.42
C GLN J 43 -20.33 -4.91 -3.15
N ILE J 44 -20.21 -3.61 -3.41
CA ILE J 44 -21.29 -2.84 -4.08
C ILE J 44 -21.61 -3.48 -5.44
N THR J 45 -20.60 -3.75 -6.25
CA THR J 45 -20.76 -4.47 -7.53
C THR J 45 -21.54 -5.76 -7.30
N ILE J 46 -21.16 -6.57 -6.31
CA ILE J 46 -21.82 -7.90 -6.09
C ILE J 46 -23.27 -7.68 -5.64
N TRP J 47 -23.51 -6.69 -4.80
CA TRP J 47 -24.88 -6.45 -4.26
C TRP J 47 -25.81 -6.10 -5.44
N PHE J 48 -25.30 -5.37 -6.43
CA PHE J 48 -26.09 -5.00 -7.64
C PHE J 48 -26.39 -6.28 -8.41
N GLN J 49 -25.39 -7.15 -8.60
CA GLN J 49 -25.59 -8.44 -9.27
C GLN J 49 -26.74 -9.16 -8.56
N ASN J 50 -26.66 -9.23 -7.23
CA ASN J 50 -27.63 -10.01 -6.41
C ASN J 50 -29.02 -9.35 -6.48
N ARG J 51 -29.09 -8.02 -6.54
CA ARG J 51 -30.36 -7.25 -6.53
C ARG J 51 -31.13 -7.50 -7.84
N ARG J 52 -30.42 -7.61 -8.95
CA ARG J 52 -31.05 -7.90 -10.25
C ARG J 52 -31.59 -9.33 -10.20
N VAL J 53 -30.90 -10.26 -9.54
CA VAL J 53 -31.41 -11.66 -9.40
C VAL J 53 -32.72 -11.64 -8.60
N LYS J 54 -32.73 -10.88 -7.49
CA LYS J 54 -33.93 -10.76 -6.63
C LYS J 54 -35.06 -10.07 -7.41
N GLU J 55 -34.70 -9.18 -8.35
CA GLU J 55 -35.70 -8.45 -9.16
C GLU J 55 -36.19 -9.36 -10.30
N LYS J 56 -35.41 -10.39 -10.63
CA LYS J 56 -35.78 -11.34 -11.71
C LYS J 56 -36.74 -12.41 -11.15
N LYS J 57 -36.82 -12.51 -9.82
CA LYS J 57 -37.71 -13.50 -9.16
C LYS J 57 -39.08 -12.86 -8.89
N VAL J 58 -39.19 -11.55 -9.13
CA VAL J 58 -40.47 -10.81 -8.92
C VAL J 58 -41.15 -10.59 -10.27
N LEU J 59 -41.00 -11.56 -11.19
CA LEU J 59 -41.62 -11.47 -12.53
C LEU J 59 -42.82 -12.41 -12.60
#